data_3LUQ
#
_entry.id   3LUQ
#
_cell.length_a   62.545
_cell.length_b   71.971
_cell.length_c   67.374
_cell.angle_alpha   90.00
_cell.angle_beta   113.05
_cell.angle_gamma   90.00
#
_symmetry.space_group_name_H-M   'P 1 21 1'
#
loop_
_entity.id
_entity.type
_entity.pdbx_description
1 polymer 'Sensor protein'
2 non-polymer 'SULFATE ION'
3 non-polymer 'TRIETHYLENE GLYCOL'
4 water water
#
_entity_poly.entity_id   1
_entity_poly.type   'polypeptide(L)'
_entity_poly.pdbx_seq_one_letter_code
;SDERLRLFTEHAPAALA(MSE)FDRE(MSE)RYLAVSRRWREDYGLGDGDILG(MSE)SHYDIFPEIGEEWKSVHRRGLA
GEVIRVEEDCFVRADGRTQWLRWEVRPWYEGEGRVGGVVIFTEDIT
;
_entity_poly.pdbx_strand_id   A,B,C,D
#
loop_
_chem_comp.id
_chem_comp.type
_chem_comp.name
_chem_comp.formula
PGE non-polymer 'TRIETHYLENE GLYCOL' 'C6 H14 O4'
SO4 non-polymer 'SULFATE ION' 'O4 S -2'
#
# COMPACT_ATOMS: atom_id res chain seq x y z
N SER A 1 11.79 -5.62 1.30
CA SER A 1 12.11 -5.21 2.65
C SER A 1 11.45 -3.91 2.76
N ASP A 2 11.22 -3.30 1.63
CA ASP A 2 10.48 -2.08 1.61
C ASP A 2 9.13 -2.53 1.23
N GLU A 3 8.29 -2.70 2.22
CA GLU A 3 6.92 -3.00 2.03
C GLU A 3 6.20 -1.84 1.34
N ARG A 4 6.57 -0.64 1.69
CA ARG A 4 5.96 0.54 1.15
C ARG A 4 6.16 0.67 -0.33
N LEU A 5 7.35 0.34 -0.77
CA LEU A 5 7.67 0.22 -2.16
C LEU A 5 6.99 -0.91 -2.87
N ARG A 6 6.88 -2.04 -2.22
CA ARG A 6 6.23 -3.12 -2.86
C ARG A 6 4.81 -2.72 -3.10
N LEU A 7 4.20 -2.07 -2.12
CA LEU A 7 2.85 -1.63 -2.23
C LEU A 7 2.63 -0.61 -3.33
N PHE A 8 3.56 0.31 -3.44
CA PHE A 8 3.51 1.34 -4.43
C PHE A 8 3.56 0.86 -5.84
N THR A 9 4.43 -0.09 -6.11
CA THR A 9 4.53 -0.73 -7.39
C THR A 9 3.38 -1.64 -7.77
N GLU A 10 2.81 -2.31 -6.80
CA GLU A 10 1.69 -3.16 -7.04
C GLU A 10 0.53 -2.36 -7.53
N HIS A 11 0.41 -1.15 -7.06
CA HIS A 11 -0.76 -0.40 -7.31
C HIS A 11 -0.55 0.60 -8.38
N ALA A 12 0.62 0.57 -8.98
CA ALA A 12 0.93 1.55 -9.98
C ALA A 12 0.11 1.50 -11.25
N PRO A 13 -0.30 2.65 -11.69
CA PRO A 13 -0.98 2.84 -12.96
C PRO A 13 -0.12 2.56 -14.19
N ALA A 14 1.18 2.82 -14.07
CA ALA A 14 2.13 2.64 -15.15
C ALA A 14 2.83 1.29 -15.10
N ALA A 15 3.77 1.03 -15.98
CA ALA A 15 4.45 -0.24 -15.92
C ALA A 15 5.66 -0.17 -15.00
N LEU A 16 5.54 -0.81 -13.86
CA LEU A 16 6.58 -0.75 -12.87
C LEU A 16 6.87 -2.10 -12.29
N ALA A 17 8.12 -2.36 -11.99
CA ALA A 17 8.49 -3.57 -11.32
C ALA A 17 9.66 -3.35 -10.38
N MSE A 18 9.76 -4.20 -9.39
CA MSE A 18 10.74 -4.08 -8.33
C MSE A 18 11.48 -5.38 -8.22
O MSE A 18 10.89 -6.41 -8.23
CB MSE A 18 10.00 -3.80 -7.04
CG MSE A 18 10.84 -3.68 -5.80
SE MSE A 18 9.79 -3.18 -4.35
CE MSE A 18 11.09 -3.17 -3.04
N PHE A 19 12.80 -5.32 -8.12
CA PHE A 19 13.62 -6.50 -8.12
C PHE A 19 14.57 -6.52 -6.98
N ASP A 20 15.01 -7.71 -6.62
CA ASP A 20 16.09 -7.90 -5.67
C ASP A 20 17.43 -7.83 -6.34
N ARG A 21 18.46 -8.07 -5.57
CA ARG A 21 19.83 -7.97 -6.02
C ARG A 21 20.12 -8.97 -7.10
N GLU A 22 19.30 -9.99 -7.21
CA GLU A 22 19.47 -11.05 -8.18
C GLU A 22 18.45 -10.94 -9.25
N MSE A 23 17.83 -9.79 -9.33
CA MSE A 23 16.85 -9.53 -10.33
C MSE A 23 15.62 -10.38 -10.35
O MSE A 23 15.13 -10.69 -11.38
CB MSE A 23 17.50 -9.58 -11.68
CG MSE A 23 18.27 -8.34 -12.03
SE MSE A 23 17.37 -6.74 -12.07
CE MSE A 23 16.24 -7.06 -13.46
N ARG A 24 15.09 -10.72 -9.19
CA ARG A 24 13.92 -11.54 -9.14
C ARG A 24 12.84 -10.68 -8.65
N TYR A 25 11.62 -10.97 -9.06
CA TYR A 25 10.51 -10.11 -8.82
C TYR A 25 10.18 -9.96 -7.36
N LEU A 26 10.10 -8.73 -6.93
CA LEU A 26 9.56 -8.41 -5.66
C LEU A 26 8.17 -7.87 -5.82
N ALA A 27 7.91 -7.08 -6.85
CA ALA A 27 6.60 -6.53 -7.08
C ALA A 27 6.34 -6.19 -8.52
N VAL A 28 5.10 -6.31 -8.96
CA VAL A 28 4.74 -5.96 -10.31
C VAL A 28 3.47 -5.15 -10.42
N SER A 29 3.47 -4.13 -11.26
CA SER A 29 2.25 -3.41 -11.64
C SER A 29 1.43 -4.17 -12.65
N ARG A 30 0.16 -3.83 -12.80
CA ARG A 30 -0.66 -4.48 -13.79
C ARG A 30 -0.19 -4.24 -15.20
N ARG A 31 0.18 -3.03 -15.52
CA ARG A 31 0.63 -2.71 -16.87
C ARG A 31 1.87 -3.47 -17.24
N TRP A 32 2.77 -3.63 -16.30
CA TRP A 32 3.96 -4.43 -16.48
C TRP A 32 3.64 -5.90 -16.72
N ARG A 33 2.69 -6.44 -16.00
CA ARG A 33 2.31 -7.80 -16.25
C ARG A 33 1.75 -7.89 -17.61
N GLU A 34 0.86 -6.98 -17.97
CA GLU A 34 0.31 -7.00 -19.31
C GLU A 34 1.32 -6.70 -20.38
N ASP A 35 2.08 -5.64 -20.24
CA ASP A 35 3.04 -5.25 -21.24
C ASP A 35 4.07 -6.32 -21.43
N TYR A 36 4.44 -6.99 -20.37
CA TYR A 36 5.46 -7.98 -20.50
C TYR A 36 4.92 -9.39 -20.69
N GLY A 37 3.62 -9.52 -20.80
CA GLY A 37 3.03 -10.81 -21.05
C GLY A 37 3.36 -11.87 -20.03
N LEU A 38 3.41 -11.46 -18.78
CA LEU A 38 3.69 -12.33 -17.67
C LEU A 38 2.63 -13.36 -17.35
N GLY A 39 1.39 -13.00 -17.58
CA GLY A 39 0.29 -13.83 -17.16
C GLY A 39 -0.10 -13.53 -15.74
N ASP A 40 -0.97 -14.33 -15.17
CA ASP A 40 -1.50 -14.04 -13.84
C ASP A 40 -1.17 -14.98 -12.73
N GLY A 41 -0.14 -15.77 -12.90
CA GLY A 41 0.26 -16.70 -11.88
C GLY A 41 1.07 -15.97 -10.86
N ASP A 42 1.70 -16.70 -9.97
CA ASP A 42 2.51 -16.08 -8.97
C ASP A 42 3.92 -16.04 -9.50
N ILE A 43 4.41 -14.85 -9.81
CA ILE A 43 5.72 -14.75 -10.39
C ILE A 43 6.74 -14.17 -9.45
N LEU A 44 6.31 -13.83 -8.27
CA LEU A 44 7.18 -13.26 -7.30
C LEU A 44 8.23 -14.26 -6.89
N GLY A 45 9.44 -13.76 -6.80
CA GLY A 45 10.59 -14.54 -6.46
C GLY A 45 11.21 -15.12 -7.70
N MSE A 46 10.52 -15.07 -8.81
CA MSE A 46 11.10 -15.55 -10.03
C MSE A 46 12.11 -14.59 -10.58
O MSE A 46 11.93 -13.41 -10.52
CB MSE A 46 10.06 -15.79 -11.08
CG MSE A 46 8.92 -16.58 -10.64
SE MSE A 46 8.17 -17.35 -12.16
CE MSE A 46 9.60 -18.50 -12.51
N SER A 47 13.16 -15.13 -11.14
CA SER A 47 14.16 -14.33 -11.78
C SER A 47 13.75 -13.89 -13.17
N HIS A 48 13.95 -12.62 -13.44
CA HIS A 48 13.57 -11.97 -14.67
C HIS A 48 14.28 -12.52 -15.89
N TYR A 49 15.54 -12.82 -15.71
CA TYR A 49 16.35 -13.38 -16.74
C TYR A 49 15.94 -14.80 -17.13
N ASP A 50 15.49 -15.59 -16.16
CA ASP A 50 14.93 -16.91 -16.41
C ASP A 50 13.63 -16.85 -17.17
N ILE A 51 12.77 -15.95 -16.79
CA ILE A 51 11.57 -15.79 -17.54
C ILE A 51 11.97 -15.32 -18.90
N PHE A 52 12.90 -14.40 -19.00
CA PHE A 52 13.40 -14.00 -20.29
C PHE A 52 14.88 -14.25 -20.43
N PRO A 53 15.20 -15.37 -21.06
CA PRO A 53 16.58 -15.84 -21.17
C PRO A 53 17.25 -15.24 -22.36
N GLU A 54 16.50 -14.44 -23.07
CA GLU A 54 16.96 -13.84 -24.28
C GLU A 54 17.46 -12.45 -24.11
N ILE A 55 17.21 -11.88 -22.94
CA ILE A 55 17.48 -10.47 -22.74
C ILE A 55 18.94 -10.24 -22.98
N GLY A 56 19.23 -9.16 -23.68
CA GLY A 56 20.57 -8.85 -24.08
C GLY A 56 21.50 -8.42 -22.99
N GLU A 57 22.77 -8.41 -23.33
CA GLU A 57 23.82 -7.92 -22.46
C GLU A 57 23.77 -6.42 -22.23
N GLU A 58 23.15 -5.70 -23.14
CA GLU A 58 22.99 -4.29 -22.97
C GLU A 58 22.15 -3.93 -21.78
N TRP A 59 21.03 -4.61 -21.61
CA TRP A 59 20.22 -4.44 -20.43
C TRP A 59 20.84 -4.90 -19.14
N LYS A 60 21.59 -5.96 -19.20
CA LYS A 60 22.21 -6.51 -18.03
C LYS A 60 23.19 -5.56 -17.44
N SER A 61 23.89 -4.84 -18.28
CA SER A 61 24.78 -3.80 -17.82
C SER A 61 24.04 -2.63 -17.15
N VAL A 62 22.91 -2.24 -17.70
CA VAL A 62 22.05 -1.24 -17.12
C VAL A 62 21.48 -1.71 -15.81
N HIS A 63 20.98 -2.93 -15.75
CA HIS A 63 20.47 -3.45 -14.51
C HIS A 63 21.60 -3.53 -13.54
N ARG A 64 22.75 -3.95 -14.01
CA ARG A 64 23.93 -4.00 -13.19
C ARG A 64 24.38 -2.64 -12.73
N ARG A 65 24.30 -1.65 -13.60
CA ARG A 65 24.70 -0.33 -13.22
C ARG A 65 23.81 0.16 -12.12
N GLY A 66 22.53 -0.15 -12.23
CA GLY A 66 21.55 0.24 -11.26
C GLY A 66 21.80 -0.34 -9.92
N LEU A 67 22.21 -1.59 -9.88
CA LEU A 67 22.50 -2.27 -8.65
C LEU A 67 23.75 -1.77 -7.99
N ALA A 68 24.50 -0.97 -8.72
CA ALA A 68 25.68 -0.35 -8.19
C ALA A 68 25.39 1.06 -7.74
N GLY A 69 24.12 1.39 -7.64
CA GLY A 69 23.70 2.68 -7.19
C GLY A 69 23.36 3.73 -8.19
N GLU A 70 23.32 3.42 -9.46
CA GLU A 70 23.10 4.46 -10.41
C GLU A 70 21.67 4.61 -10.83
N VAL A 71 21.25 5.86 -10.98
CA VAL A 71 19.93 6.18 -11.43
C VAL A 71 20.04 6.46 -12.89
N ILE A 72 19.36 5.65 -13.69
CA ILE A 72 19.46 5.78 -15.12
C ILE A 72 18.12 6.13 -15.74
N ARG A 73 18.07 7.25 -16.41
CA ARG A 73 16.87 7.68 -17.05
C ARG A 73 17.07 8.12 -18.46
N VAL A 74 16.29 7.56 -19.36
CA VAL A 74 16.31 7.97 -20.74
C VAL A 74 14.95 8.43 -21.13
N GLU A 75 14.83 9.71 -21.44
CA GLU A 75 13.56 10.27 -21.83
C GLU A 75 12.98 9.76 -23.13
N GLU A 76 13.77 9.65 -24.17
CA GLU A 76 13.25 9.09 -25.39
C GLU A 76 14.17 8.08 -25.99
N ASP A 77 13.71 6.86 -26.18
CA ASP A 77 14.52 5.81 -26.79
C ASP A 77 13.79 5.07 -27.88
N CYS A 78 14.53 4.51 -28.82
CA CYS A 78 13.97 3.86 -30.00
C CYS A 78 14.54 2.46 -29.90
N PHE A 79 13.74 1.46 -30.19
CA PHE A 79 14.25 0.11 -30.26
C PHE A 79 13.47 -0.72 -31.27
N VAL A 80 14.07 -1.77 -31.79
CA VAL A 80 13.32 -2.68 -32.62
C VAL A 80 13.23 -4.09 -32.10
N ARG A 81 12.02 -4.59 -32.15
CA ARG A 81 11.69 -5.95 -31.80
C ARG A 81 11.90 -6.89 -32.98
N GLY A 84 9.79 -7.00 -36.02
CA GLY A 84 10.27 -6.04 -36.99
C GLY A 84 9.88 -4.59 -36.76
N ARG A 85 8.74 -4.38 -36.12
CA ARG A 85 8.25 -3.03 -35.89
C ARG A 85 9.03 -2.25 -34.81
N THR A 86 8.86 -0.93 -34.85
CA THR A 86 9.54 0.01 -33.96
C THR A 86 8.68 0.48 -32.79
N GLN A 87 9.34 0.68 -31.67
CA GLN A 87 8.72 1.08 -30.45
C GLN A 87 9.49 2.27 -30.02
N TRP A 88 8.82 3.29 -29.53
CA TRP A 88 9.48 4.43 -28.97
C TRP A 88 9.24 4.39 -27.48
N LEU A 89 10.24 4.73 -26.69
CA LEU A 89 10.25 4.40 -25.29
C LEU A 89 10.72 5.48 -24.36
N ARG A 90 10.22 5.46 -23.14
CA ARG A 90 10.87 6.12 -22.03
C ARG A 90 11.10 5.11 -20.95
N TRP A 91 12.25 5.09 -20.32
CA TRP A 91 12.50 4.14 -19.24
C TRP A 91 13.37 4.67 -18.13
N GLU A 92 13.19 4.14 -16.93
CA GLU A 92 14.05 4.43 -15.82
C GLU A 92 14.43 3.19 -15.06
N VAL A 93 15.70 3.09 -14.69
CA VAL A 93 16.20 2.07 -13.81
C VAL A 93 16.95 2.70 -12.68
N ARG A 94 16.65 2.34 -11.46
CA ARG A 94 17.32 2.94 -10.36
C ARG A 94 17.27 2.04 -9.20
N PRO A 95 18.19 2.23 -8.29
CA PRO A 95 18.25 1.43 -7.08
C PRO A 95 17.16 1.75 -6.09
N TRP A 96 16.77 0.77 -5.31
CA TRP A 96 16.02 0.98 -4.10
C TRP A 96 16.84 0.46 -2.97
N TYR A 97 16.65 0.98 -1.79
CA TYR A 97 17.56 0.75 -0.71
C TYR A 97 17.00 0.10 0.53
N GLU A 98 17.78 -0.79 1.09
CA GLU A 98 17.50 -1.31 2.41
C GLU A 98 17.80 -0.30 3.49
N GLY A 99 17.22 -0.50 4.66
CA GLY A 99 17.34 0.42 5.77
C GLY A 99 18.76 0.60 6.27
N GLU A 100 19.61 -0.35 5.97
CA GLU A 100 20.93 -0.30 6.53
C GLU A 100 21.79 0.60 5.70
N GLY A 101 21.19 1.15 4.64
CA GLY A 101 21.87 1.93 3.62
C GLY A 101 22.42 1.13 2.47
N ARG A 102 22.19 -0.16 2.48
CA ARG A 102 22.57 -1.00 1.38
C ARG A 102 21.51 -1.02 0.27
N VAL A 103 21.94 -1.19 -0.97
CA VAL A 103 21.06 -1.32 -2.08
C VAL A 103 20.29 -2.59 -1.91
N GLY A 104 18.99 -2.57 -2.08
CA GLY A 104 18.23 -3.79 -2.04
C GLY A 104 17.86 -4.39 -3.37
N GLY A 105 18.01 -3.64 -4.44
CA GLY A 105 17.57 -4.08 -5.73
C GLY A 105 17.39 -2.90 -6.63
N VAL A 106 16.57 -3.06 -7.66
CA VAL A 106 16.17 -1.96 -8.50
C VAL A 106 14.70 -1.94 -8.79
N VAL A 107 14.26 -0.78 -9.23
CA VAL A 107 12.92 -0.55 -9.69
C VAL A 107 13.00 -0.13 -11.12
N ILE A 108 12.17 -0.69 -11.97
CA ILE A 108 12.17 -0.34 -13.37
C ILE A 108 10.84 0.16 -13.92
N PHE A 109 10.91 1.22 -14.70
CA PHE A 109 9.73 1.83 -15.24
C PHE A 109 9.84 1.96 -16.73
N THR A 110 8.82 1.60 -17.47
CA THR A 110 8.81 1.83 -18.89
C THR A 110 7.54 2.47 -19.36
N GLU A 111 7.64 3.26 -20.39
CA GLU A 111 6.46 3.86 -20.95
C GLU A 111 6.62 4.21 -22.40
N ASP A 112 5.54 4.19 -23.15
CA ASP A 112 5.54 4.61 -24.56
C ASP A 112 5.47 6.10 -24.67
N ILE A 113 6.25 6.72 -25.54
CA ILE A 113 6.28 8.18 -25.63
C ILE A 113 5.41 8.79 -26.71
N THR A 114 4.95 7.95 -27.62
CA THR A 114 4.09 8.42 -28.69
C THR A 114 2.63 8.21 -28.27
N SER B 1 -4.63 6.73 -5.72
CA SER B 1 -4.48 7.66 -6.82
C SER B 1 -3.65 8.81 -6.34
N ASP B 2 -4.34 9.86 -5.94
CA ASP B 2 -3.65 10.95 -5.34
C ASP B 2 -3.06 10.27 -4.14
N GLU B 3 -3.85 9.36 -3.58
CA GLU B 3 -3.57 8.70 -2.34
C GLU B 3 -2.33 7.85 -2.39
N ARG B 4 -2.09 7.19 -3.49
CA ARG B 4 -0.94 6.33 -3.57
C ARG B 4 0.31 7.13 -3.37
N LEU B 5 0.39 8.27 -4.01
CA LEU B 5 1.48 9.17 -3.85
C LEU B 5 1.57 9.80 -2.48
N ARG B 6 0.44 10.18 -1.93
CA ARG B 6 0.47 10.85 -0.68
C ARG B 6 1.00 9.92 0.36
N LEU B 7 0.52 8.69 0.34
CA LEU B 7 0.97 7.70 1.27
C LEU B 7 2.43 7.38 1.06
N PHE B 8 2.83 7.33 -0.18
CA PHE B 8 4.20 7.05 -0.48
C PHE B 8 5.10 8.12 0.06
N THR B 9 4.74 9.36 -0.15
CA THR B 9 5.50 10.47 0.34
C THR B 9 5.55 10.54 1.81
N GLU B 10 4.42 10.32 2.45
CA GLU B 10 4.29 10.41 3.87
C GLU B 10 5.12 9.40 4.62
N HIS B 11 5.36 8.27 4.02
CA HIS B 11 6.07 7.23 4.71
C HIS B 11 7.44 7.06 4.18
N ALA B 12 7.96 8.07 3.52
CA ALA B 12 9.29 8.00 2.99
C ALA B 12 10.33 8.10 4.07
N PRO B 13 11.32 7.23 4.01
CA PRO B 13 12.50 7.30 4.88
C PRO B 13 13.36 8.54 4.64
N ALA B 14 13.45 8.92 3.40
CA ALA B 14 14.21 10.06 3.00
C ALA B 14 13.36 11.31 3.15
N ALA B 15 13.88 12.46 2.81
CA ALA B 15 13.08 13.66 2.89
C ALA B 15 12.31 13.88 1.62
N LEU B 16 11.01 13.69 1.69
CA LEU B 16 10.15 13.79 0.54
C LEU B 16 8.94 14.66 0.74
N ALA B 17 8.66 15.50 -0.22
CA ALA B 17 7.48 16.32 -0.19
C ALA B 17 6.75 16.33 -1.51
N MSE B 18 5.44 16.36 -1.45
CA MSE B 18 4.58 16.38 -2.60
C MSE B 18 3.86 17.71 -2.65
O MSE B 18 3.30 18.14 -1.69
CB MSE B 18 3.58 15.25 -2.48
CG MSE B 18 2.76 14.90 -3.69
SE MSE B 18 1.58 13.60 -3.25
CE MSE B 18 0.37 13.76 -4.61
N PHE B 19 3.89 18.38 -3.78
CA PHE B 19 3.28 19.68 -3.89
C PHE B 19 2.26 19.70 -4.97
N ASP B 20 1.34 20.62 -4.87
CA ASP B 20 0.39 20.89 -5.92
C ASP B 20 0.92 21.86 -6.94
N ARG B 21 0.09 22.22 -7.88
CA ARG B 21 0.48 23.05 -8.99
C ARG B 21 0.89 24.44 -8.56
N GLU B 22 0.47 24.85 -7.40
CA GLU B 22 0.80 26.16 -6.89
C GLU B 22 1.83 26.07 -5.80
N MSE B 23 2.48 24.92 -5.73
CA MSE B 23 3.49 24.62 -4.74
C MSE B 23 3.07 24.77 -3.32
O MSE B 23 3.72 25.39 -2.53
CB MSE B 23 4.76 25.40 -5.02
CG MSE B 23 5.51 24.91 -6.24
SE MSE B 23 6.68 23.47 -6.00
CE MSE B 23 7.30 23.91 -4.33
N ARG B 24 1.96 24.14 -3.01
CA ARG B 24 1.52 24.02 -1.65
C ARG B 24 1.53 22.55 -1.36
N TYR B 25 1.89 22.21 -0.14
CA TYR B 25 2.12 20.85 0.24
C TYR B 25 0.90 19.97 0.17
N LEU B 26 1.05 18.79 -0.40
CA LEU B 26 0.05 17.77 -0.31
C LEU B 26 0.43 16.69 0.66
N ALA B 27 1.71 16.35 0.72
CA ALA B 27 2.23 15.36 1.63
C ALA B 27 3.67 15.63 2.06
N VAL B 28 4.04 15.23 3.25
CA VAL B 28 5.42 15.39 3.62
C VAL B 28 5.97 14.19 4.32
N SER B 29 7.21 13.84 4.06
CA SER B 29 7.92 12.83 4.84
C SER B 29 8.39 13.38 6.14
N ARG B 30 8.70 12.53 7.08
CA ARG B 30 9.19 13.00 8.36
C ARG B 30 10.51 13.71 8.29
N ARG B 31 11.43 13.20 7.52
CA ARG B 31 12.71 13.83 7.37
C ARG B 31 12.59 15.19 6.78
N TRP B 32 11.67 15.34 5.84
CA TRP B 32 11.46 16.63 5.26
C TRP B 32 10.99 17.61 6.31
N ARG B 33 10.08 17.21 7.16
CA ARG B 33 9.65 18.09 8.19
C ARG B 33 10.82 18.39 9.07
N GLU B 34 11.58 17.38 9.43
CA GLU B 34 12.73 17.59 10.29
C GLU B 34 13.78 18.47 9.63
N ASP B 35 14.19 18.13 8.43
CA ASP B 35 15.21 18.88 7.73
C ASP B 35 14.77 20.29 7.43
N TYR B 36 13.52 20.46 7.10
CA TYR B 36 13.01 21.75 6.73
C TYR B 36 12.38 22.50 7.88
N GLY B 37 12.41 21.92 9.06
CA GLY B 37 11.88 22.54 10.27
C GLY B 37 10.44 22.99 10.36
N LEU B 38 9.51 22.20 9.82
CA LEU B 38 8.12 22.56 9.82
C LEU B 38 7.30 22.06 10.96
N GLY B 39 7.78 21.10 11.71
CA GLY B 39 7.01 20.64 12.84
C GLY B 39 5.99 19.59 12.50
N ASP B 40 5.38 19.00 13.49
CA ASP B 40 4.51 17.85 13.30
C ASP B 40 3.08 18.21 12.90
N GLY B 41 2.78 19.49 12.81
CA GLY B 41 1.43 19.97 12.53
C GLY B 41 0.90 19.89 11.12
N ASP B 42 -0.41 20.01 10.95
CA ASP B 42 -0.92 19.87 9.63
C ASP B 42 -0.52 21.09 8.86
N ILE B 43 0.22 20.90 7.78
CA ILE B 43 0.58 21.97 6.89
C ILE B 43 -0.06 21.84 5.55
N LEU B 44 -1.00 20.96 5.42
CA LEU B 44 -1.50 20.71 4.10
C LEU B 44 -2.16 21.96 3.56
N GLY B 45 -1.76 22.33 2.36
CA GLY B 45 -2.27 23.48 1.67
C GLY B 45 -1.49 24.73 1.89
N MSE B 46 -0.54 24.74 2.79
CA MSE B 46 0.30 25.89 2.90
C MSE B 46 1.22 25.94 1.70
O MSE B 46 1.52 24.95 1.09
CB MSE B 46 1.12 25.88 4.17
CG MSE B 46 0.36 26.23 5.44
SE MSE B 46 1.26 25.78 7.05
CE MSE B 46 2.16 27.39 7.36
N SER B 47 1.67 27.12 1.37
CA SER B 47 2.47 27.31 0.22
C SER B 47 3.88 27.32 0.66
N HIS B 48 4.73 26.60 -0.05
CA HIS B 48 6.13 26.49 0.26
C HIS B 48 6.73 27.87 0.14
N TYR B 49 6.29 28.62 -0.85
CA TYR B 49 6.81 29.95 -1.03
C TYR B 49 6.48 30.89 0.08
N ASP B 50 5.29 30.77 0.65
CA ASP B 50 4.94 31.53 1.83
C ASP B 50 5.77 31.14 3.05
N ILE B 51 5.96 29.86 3.27
CA ILE B 51 6.74 29.39 4.39
C ILE B 51 8.19 29.81 4.31
N PHE B 52 8.75 29.79 3.12
CA PHE B 52 10.06 30.33 2.91
C PHE B 52 9.96 31.38 1.86
N PRO B 53 10.01 32.63 2.25
CA PRO B 53 9.92 33.69 1.26
C PRO B 53 11.26 34.12 0.77
N GLU B 54 12.33 33.71 1.39
CA GLU B 54 13.59 34.15 0.86
C GLU B 54 14.05 33.29 -0.31
N ILE B 55 13.27 32.27 -0.63
CA ILE B 55 13.64 31.32 -1.67
C ILE B 55 13.79 32.01 -3.00
N GLY B 56 14.86 31.68 -3.68
CA GLY B 56 15.22 32.28 -4.94
C GLY B 56 14.50 31.92 -6.23
N GLU B 57 14.77 32.70 -7.24
CA GLU B 57 14.35 32.43 -8.58
C GLU B 57 15.03 31.21 -9.07
N GLU B 58 16.17 30.87 -8.50
CA GLU B 58 16.90 29.73 -8.94
C GLU B 58 16.10 28.49 -8.74
N TRP B 59 15.49 28.34 -7.59
CA TRP B 59 14.57 27.26 -7.31
C TRP B 59 13.27 27.33 -8.05
N LYS B 60 12.73 28.52 -8.15
CA LYS B 60 11.43 28.73 -8.73
C LYS B 60 11.37 28.33 -10.17
N SER B 61 12.40 28.67 -10.90
CA SER B 61 12.52 28.26 -12.26
C SER B 61 12.62 26.76 -12.33
N VAL B 62 13.39 26.18 -11.44
CA VAL B 62 13.47 24.74 -11.37
C VAL B 62 12.14 24.13 -11.00
N HIS B 63 11.44 24.69 -10.03
CA HIS B 63 10.18 24.11 -9.68
C HIS B 63 9.29 24.22 -10.86
N ARG B 64 9.30 25.37 -11.49
CA ARG B 64 8.40 25.61 -12.58
C ARG B 64 8.67 24.64 -13.68
N ARG B 65 9.93 24.34 -13.90
CA ARG B 65 10.31 23.46 -14.97
C ARG B 65 9.73 22.08 -14.75
N GLY B 66 9.74 21.62 -13.51
CA GLY B 66 9.14 20.35 -13.17
C GLY B 66 7.68 20.35 -13.39
N LEU B 67 7.04 21.44 -13.07
CA LEU B 67 5.61 21.59 -13.29
C LEU B 67 5.35 21.57 -14.77
N ALA B 68 6.36 21.80 -15.56
CA ALA B 68 6.19 21.75 -16.98
C ALA B 68 6.47 20.36 -17.43
N GLY B 69 6.61 19.46 -16.49
CA GLY B 69 6.79 18.06 -16.78
C GLY B 69 8.18 17.54 -16.88
N GLU B 70 9.16 18.37 -16.64
CA GLU B 70 10.52 17.93 -16.68
C GLU B 70 10.92 17.17 -15.45
N VAL B 71 11.66 16.09 -15.63
CA VAL B 71 12.29 15.40 -14.54
C VAL B 71 13.71 15.91 -14.39
N ILE B 72 14.00 16.52 -13.27
CA ILE B 72 15.29 17.13 -13.03
C ILE B 72 15.98 16.50 -11.86
N ARG B 73 17.16 15.96 -12.07
CA ARG B 73 17.89 15.37 -10.96
C ARG B 73 19.33 15.78 -10.92
N VAL B 74 19.84 16.15 -9.78
CA VAL B 74 21.23 16.48 -9.70
C VAL B 74 21.99 15.63 -8.71
N GLU B 75 22.98 14.88 -9.16
CA GLU B 75 23.70 13.99 -8.28
C GLU B 75 24.56 14.61 -7.19
N GLU B 76 25.35 15.62 -7.55
CA GLU B 76 26.07 16.42 -6.58
C GLU B 76 25.93 17.90 -6.81
N ASP B 77 25.28 18.61 -5.90
CA ASP B 77 25.22 20.05 -5.96
C ASP B 77 25.87 20.57 -4.71
N CYS B 78 26.60 21.67 -4.81
CA CYS B 78 27.36 22.20 -3.70
C CYS B 78 26.81 23.55 -3.42
N PHE B 79 26.55 23.80 -2.16
CA PHE B 79 26.29 25.12 -1.68
C PHE B 79 27.24 25.47 -0.59
N VAL B 80 27.85 26.63 -0.69
CA VAL B 80 28.62 27.14 0.41
C VAL B 80 27.66 27.62 1.48
N ARG B 81 28.10 27.51 2.73
CA ARG B 81 27.29 27.74 3.90
C ARG B 81 27.83 28.82 4.82
N ALA B 82 26.92 29.45 5.50
CA ALA B 82 27.22 30.56 6.38
C ALA B 82 28.13 30.01 7.42
N ASP B 83 28.00 28.73 7.65
CA ASP B 83 28.77 28.02 8.63
C ASP B 83 30.20 27.98 8.25
N GLY B 84 30.48 28.15 6.97
CA GLY B 84 31.82 27.90 6.48
C GLY B 84 32.00 26.48 6.00
N ARG B 85 30.90 25.75 5.93
CA ARG B 85 30.95 24.41 5.39
C ARG B 85 30.25 24.32 4.07
N THR B 86 30.96 23.82 3.08
CA THR B 86 30.34 23.46 1.85
C THR B 86 29.44 22.29 2.12
N GLN B 87 28.25 22.35 1.56
CA GLN B 87 27.26 21.33 1.69
C GLN B 87 26.97 20.84 0.32
N TRP B 88 26.88 19.53 0.19
CA TRP B 88 26.56 18.95 -1.08
C TRP B 88 25.25 18.27 -0.90
N LEU B 89 24.47 18.27 -1.94
CA LEU B 89 23.14 17.81 -1.86
C LEU B 89 22.96 16.94 -3.01
N ARG B 90 22.06 15.98 -2.88
CA ARG B 90 21.57 15.25 -4.00
C ARG B 90 20.14 15.63 -4.05
N TRP B 91 19.61 15.98 -5.20
CA TRP B 91 18.20 16.30 -5.29
C TRP B 91 17.51 15.95 -6.58
N GLU B 92 16.24 15.66 -6.49
CA GLU B 92 15.41 15.43 -7.63
C GLU B 92 14.10 16.19 -7.53
N VAL B 93 13.67 16.78 -8.63
CA VAL B 93 12.39 17.42 -8.71
C VAL B 93 11.69 16.89 -9.92
N ARG B 94 10.48 16.41 -9.76
CA ARG B 94 9.77 15.87 -10.89
C ARG B 94 8.27 15.90 -10.76
N PRO B 95 7.62 15.80 -11.89
CA PRO B 95 6.19 15.84 -11.93
C PRO B 95 5.54 14.60 -11.41
N TRP B 96 4.33 14.76 -10.94
CA TRP B 96 3.41 13.69 -10.72
C TRP B 96 2.19 14.08 -11.48
N TYR B 97 1.43 13.09 -11.86
CA TYR B 97 0.40 13.26 -12.83
C TYR B 97 -0.91 12.89 -12.24
N GLU B 98 -1.92 13.69 -12.53
CA GLU B 98 -3.25 13.38 -12.09
C GLU B 98 -3.66 12.26 -12.97
N GLY B 99 -4.76 11.63 -12.60
CA GLY B 99 -5.33 10.50 -13.31
C GLY B 99 -5.77 10.80 -14.72
N GLU B 100 -5.86 12.08 -15.08
CA GLU B 100 -6.32 12.50 -16.39
C GLU B 100 -5.49 12.14 -17.61
N GLY B 101 -4.17 12.25 -17.56
CA GLY B 101 -3.45 12.79 -16.45
C GLY B 101 -2.61 13.95 -16.92
N ARG B 102 -2.73 15.02 -16.17
CA ARG B 102 -2.03 16.22 -16.43
C ARG B 102 -1.24 16.34 -15.16
N VAL B 103 -0.23 17.18 -15.16
CA VAL B 103 0.57 17.26 -13.99
C VAL B 103 -0.32 17.74 -12.90
N GLY B 104 -0.26 17.07 -11.78
CA GLY B 104 -0.95 17.51 -10.60
C GLY B 104 -0.01 18.27 -9.72
N GLY B 105 1.24 18.40 -10.11
CA GLY B 105 2.20 19.03 -9.25
C GLY B 105 3.55 18.38 -9.36
N VAL B 106 4.39 18.58 -8.36
CA VAL B 106 5.71 17.99 -8.35
C VAL B 106 6.04 17.27 -7.09
N VAL B 107 7.00 16.38 -7.20
CA VAL B 107 7.57 15.69 -6.05
C VAL B 107 9.04 16.06 -5.94
N ILE B 108 9.46 16.45 -4.76
CA ILE B 108 10.82 16.88 -4.55
C ILE B 108 11.57 16.10 -3.50
N PHE B 109 12.79 15.70 -3.82
CA PHE B 109 13.60 14.96 -2.91
C PHE B 109 14.95 15.60 -2.71
N THR B 110 15.36 15.81 -1.48
CA THR B 110 16.69 16.30 -1.19
C THR B 110 17.40 15.43 -0.20
N GLU B 111 18.68 15.22 -0.41
CA GLU B 111 19.46 14.39 0.46
C GLU B 111 20.81 14.99 0.58
N ASP B 112 21.34 15.10 1.78
CA ASP B 112 22.67 15.65 1.96
C ASP B 112 23.67 14.54 1.86
N ILE B 113 24.68 14.71 1.03
CA ILE B 113 25.65 13.67 0.77
C ILE B 113 27.03 14.14 1.08
N THR B 114 27.13 15.26 1.76
CA THR B 114 28.41 15.82 2.09
C THR B 114 29.02 15.13 3.29
N SER C 1 4.57 -8.68 7.69
CA SER C 1 3.24 -8.59 8.25
C SER C 1 2.90 -7.25 8.87
N ASP C 2 3.63 -6.83 9.88
CA ASP C 2 3.25 -5.69 10.67
C ASP C 2 3.16 -4.44 9.84
N GLU C 3 4.18 -4.18 9.06
CA GLU C 3 4.19 -3.07 8.17
C GLU C 3 3.13 -3.16 7.08
N ARG C 4 2.95 -4.33 6.52
CA ARG C 4 1.95 -4.49 5.50
C ARG C 4 0.61 -4.21 6.08
N LEU C 5 0.42 -4.61 7.31
CA LEU C 5 -0.84 -4.36 7.94
C LEU C 5 -1.06 -2.90 8.08
N ARG C 6 -0.03 -2.23 8.54
CA ARG C 6 -0.07 -0.83 8.82
C ARG C 6 -0.33 -0.06 7.55
N LEU C 7 0.33 -0.45 6.49
CA LEU C 7 0.17 0.10 5.17
C LEU C 7 -1.18 -0.18 4.59
N PHE C 8 -1.69 -1.38 4.81
CA PHE C 8 -3.01 -1.71 4.37
C PHE C 8 -4.06 -0.86 5.05
N THR C 9 -3.88 -0.57 6.32
CA THR C 9 -4.80 0.30 6.98
C THR C 9 -4.73 1.73 6.51
N GLU C 10 -3.53 2.21 6.27
CA GLU C 10 -3.38 3.56 5.80
C GLU C 10 -4.06 3.67 4.46
N HIS C 11 -3.98 2.60 3.71
CA HIS C 11 -4.42 2.65 2.38
C HIS C 11 -5.85 2.28 2.22
N ALA C 12 -6.51 1.97 3.30
CA ALA C 12 -7.83 1.41 3.22
C ALA C 12 -8.88 2.33 2.64
N PRO C 13 -9.78 1.75 1.88
CA PRO C 13 -10.91 2.42 1.26
C PRO C 13 -11.95 2.98 2.20
N ALA C 14 -12.13 2.37 3.36
CA ALA C 14 -13.01 2.84 4.39
C ALA C 14 -12.24 3.47 5.52
N ALA C 15 -12.87 3.68 6.66
CA ALA C 15 -12.23 4.27 7.81
C ALA C 15 -11.65 3.24 8.75
N LEU C 16 -10.34 3.22 8.84
CA LEU C 16 -9.64 2.23 9.61
C LEU C 16 -8.60 2.86 10.42
N ALA C 17 -8.37 2.35 11.61
CA ALA C 17 -7.22 2.77 12.35
C ALA C 17 -6.67 1.58 13.05
N MSE C 18 -5.38 1.63 13.36
CA MSE C 18 -4.72 0.56 14.06
C MSE C 18 -4.11 1.14 15.31
O MSE C 18 -3.61 2.22 15.29
CB MSE C 18 -3.66 -0.05 13.15
CG MSE C 18 -2.89 -1.22 13.71
SE MSE C 18 -1.74 -2.02 12.42
CE MSE C 18 -0.19 -2.06 13.40
N PHE C 19 -4.20 0.43 16.40
CA PHE C 19 -3.70 0.94 17.65
C PHE C 19 -2.87 -0.09 18.34
N ASP C 20 -2.06 0.39 19.25
CA ASP C 20 -1.29 -0.44 20.13
C ASP C 20 -2.07 -0.70 21.39
N ARG C 21 -1.40 -1.21 22.39
CA ARG C 21 -2.01 -1.56 23.68
C ARG C 21 -2.48 -0.37 24.47
N GLU C 22 -1.90 0.78 24.20
CA GLU C 22 -2.23 1.98 24.91
C GLU C 22 -3.21 2.80 24.11
N MSE C 23 -3.77 2.19 23.08
CA MSE C 23 -4.67 2.87 22.19
C MSE C 23 -4.05 4.08 21.56
O MSE C 23 -4.64 5.12 21.49
CB MSE C 23 -5.94 3.22 22.89
CG MSE C 23 -6.81 2.03 23.10
SE MSE C 23 -7.49 1.27 21.56
CE MSE C 23 -8.28 2.74 20.81
N ARG C 24 -2.86 3.91 21.04
CA ARG C 24 -2.13 5.01 20.49
C ARG C 24 -2.02 4.74 19.02
N TYR C 25 -2.08 5.76 18.17
CA TYR C 25 -2.24 5.47 16.78
C TYR C 25 -1.00 4.94 16.15
N LEU C 26 -1.03 3.66 15.84
CA LEU C 26 -0.17 3.03 14.86
C LEU C 26 -0.42 3.41 13.41
N ALA C 27 -1.67 3.49 12.99
CA ALA C 27 -1.96 3.92 11.64
C ALA C 27 -3.39 4.40 11.42
N VAL C 28 -3.58 5.25 10.43
CA VAL C 28 -4.91 5.78 10.13
C VAL C 28 -5.18 5.77 8.68
N SER C 29 -6.40 5.45 8.33
CA SER C 29 -6.87 5.58 6.97
C SER C 29 -7.22 7.00 6.78
N ARG C 30 -7.27 7.45 5.55
CA ARG C 30 -7.68 8.80 5.24
C ARG C 30 -9.13 9.09 5.62
N ARG C 31 -10.02 8.17 5.43
CA ARG C 31 -11.38 8.35 5.86
C ARG C 31 -11.49 8.48 7.35
N TRP C 32 -10.66 7.77 8.08
CA TRP C 32 -10.71 7.85 9.51
C TRP C 32 -10.36 9.23 9.98
N ARG C 33 -9.35 9.85 9.41
CA ARG C 33 -8.96 11.17 9.83
C ARG C 33 -10.05 12.17 9.55
N GLU C 34 -10.67 12.08 8.39
CA GLU C 34 -11.81 12.90 8.04
C GLU C 34 -13.00 12.62 8.92
N ASP C 35 -13.31 11.36 9.07
CA ASP C 35 -14.44 10.98 9.84
C ASP C 35 -14.31 11.37 11.26
N TYR C 36 -13.11 11.39 11.76
CA TYR C 36 -12.89 11.73 13.13
C TYR C 36 -12.34 13.12 13.28
N GLY C 37 -12.36 13.90 12.22
CA GLY C 37 -11.92 15.27 12.30
C GLY C 37 -10.52 15.41 12.82
N LEU C 38 -9.64 14.56 12.33
CA LEU C 38 -8.31 14.47 12.90
C LEU C 38 -7.22 15.31 12.26
N GLY C 39 -7.48 15.95 11.14
CA GLY C 39 -6.46 16.76 10.53
C GLY C 39 -5.49 15.96 9.72
N ASP C 40 -4.49 16.60 9.14
CA ASP C 40 -3.51 15.89 8.35
C ASP C 40 -2.11 15.89 8.92
N GLY C 41 -2.00 16.33 10.14
CA GLY C 41 -0.75 16.36 10.82
C GLY C 41 -0.39 14.97 11.23
N ASP C 42 0.75 14.84 11.86
CA ASP C 42 1.20 13.55 12.27
C ASP C 42 0.68 13.22 13.64
N ILE C 43 -0.20 12.25 13.70
CA ILE C 43 -0.83 11.86 14.92
C ILE C 43 -0.34 10.53 15.41
N LEU C 44 0.64 9.97 14.74
CA LEU C 44 1.08 8.65 15.06
C LEU C 44 1.75 8.58 16.42
N GLY C 45 1.36 7.63 17.23
CA GLY C 45 1.90 7.53 18.54
C GLY C 45 1.14 8.42 19.47
N MSE C 46 0.17 9.14 18.97
CA MSE C 46 -0.72 9.89 19.82
C MSE C 46 -1.76 8.98 20.39
O MSE C 46 -1.96 7.89 19.92
CB MSE C 46 -1.36 11.03 19.08
CG MSE C 46 -0.49 12.17 18.83
SE MSE C 46 -1.55 13.57 18.33
CE MSE C 46 -1.99 14.18 20.05
N SER C 47 -2.46 9.44 21.41
CA SER C 47 -3.38 8.60 22.13
C SER C 47 -4.80 9.01 21.85
N HIS C 48 -5.63 8.06 21.49
CA HIS C 48 -6.98 8.32 21.09
C HIS C 48 -7.70 8.94 22.25
N TYR C 49 -7.42 8.43 23.43
CA TYR C 49 -8.03 8.94 24.62
C TYR C 49 -7.68 10.37 25.02
N ASP C 50 -6.45 10.79 24.80
CA ASP C 50 -6.13 12.19 24.98
C ASP C 50 -6.85 13.01 23.96
N ILE C 51 -6.88 12.54 22.73
CA ILE C 51 -7.58 13.23 21.66
C ILE C 51 -9.08 13.31 21.84
N PHE C 52 -9.69 12.21 22.24
CA PHE C 52 -11.06 12.28 22.68
C PHE C 52 -11.02 11.85 24.10
N PRO C 53 -11.31 12.76 25.01
CA PRO C 53 -11.29 12.43 26.43
C PRO C 53 -12.67 12.37 27.00
N GLU C 54 -13.66 12.34 26.15
CA GLU C 54 -15.04 12.27 26.56
C GLU C 54 -15.72 11.03 26.06
N ILE C 55 -14.98 9.97 25.81
CA ILE C 55 -15.47 8.84 25.05
C ILE C 55 -16.62 8.08 25.68
N GLY C 56 -16.50 7.82 26.96
CA GLY C 56 -17.47 7.03 27.69
C GLY C 56 -16.94 5.64 27.87
N GLU C 57 -17.13 5.05 29.04
CA GLU C 57 -16.44 3.83 29.38
C GLU C 57 -16.98 2.67 28.60
N GLU C 58 -18.08 2.89 27.92
CA GLU C 58 -18.63 1.87 27.09
C GLU C 58 -17.72 1.46 25.97
N TRP C 59 -17.11 2.41 25.27
CA TRP C 59 -16.08 2.11 24.31
C TRP C 59 -14.83 1.57 24.94
N LYS C 60 -14.50 2.04 26.10
CA LYS C 60 -13.30 1.57 26.73
C LYS C 60 -13.44 0.12 27.01
N SER C 61 -14.62 -0.32 27.37
CA SER C 61 -14.83 -1.73 27.60
C SER C 61 -14.62 -2.50 26.34
N VAL C 62 -15.16 -2.01 25.24
CA VAL C 62 -14.99 -2.67 23.99
C VAL C 62 -13.55 -2.71 23.58
N HIS C 63 -12.86 -1.62 23.73
CA HIS C 63 -11.47 -1.59 23.35
C HIS C 63 -10.76 -2.58 24.23
N ARG C 64 -11.11 -2.64 25.48
CA ARG C 64 -10.48 -3.59 26.36
C ARG C 64 -10.80 -5.01 25.91
N ARG C 65 -12.03 -5.25 25.52
CA ARG C 65 -12.43 -6.57 25.14
C ARG C 65 -11.70 -7.08 23.93
N GLY C 66 -11.49 -6.19 22.97
CA GLY C 66 -10.70 -6.46 21.78
C GLY C 66 -9.26 -6.76 22.04
N LEU C 67 -8.68 -6.05 23.00
CA LEU C 67 -7.28 -6.13 23.37
C LEU C 67 -6.99 -7.44 24.01
N ALA C 68 -8.03 -8.17 24.34
CA ALA C 68 -7.88 -9.47 24.92
C ALA C 68 -8.17 -10.52 23.90
N GLY C 69 -8.12 -10.16 22.65
CA GLY C 69 -8.37 -11.11 21.61
C GLY C 69 -9.79 -11.32 21.16
N GLU C 70 -10.71 -10.52 21.63
CA GLU C 70 -12.05 -10.65 21.13
C GLU C 70 -12.21 -9.88 19.87
N VAL C 71 -12.90 -10.46 18.93
CA VAL C 71 -13.24 -9.80 17.71
C VAL C 71 -14.63 -9.32 17.94
N ILE C 72 -14.86 -8.03 17.81
CA ILE C 72 -16.19 -7.54 18.02
C ILE C 72 -16.77 -6.82 16.83
N ARG C 73 -17.86 -7.34 16.34
CA ARG C 73 -18.50 -6.79 15.20
C ARG C 73 -19.96 -6.51 15.45
N VAL C 74 -20.41 -5.31 15.16
CA VAL C 74 -21.82 -5.02 15.28
C VAL C 74 -22.33 -4.46 13.96
N GLU C 75 -23.25 -5.16 13.34
CA GLU C 75 -23.70 -4.84 12.00
C GLU C 75 -24.47 -3.57 11.81
N GLU C 76 -25.47 -3.34 12.63
CA GLU C 76 -26.15 -2.07 12.65
C GLU C 76 -26.23 -1.69 14.09
N ASP C 77 -25.63 -0.58 14.48
CA ASP C 77 -25.70 -0.20 15.86
C ASP C 77 -26.27 1.16 15.85
N CYS C 78 -26.87 1.56 16.95
CA CYS C 78 -27.55 2.83 17.00
C CYS C 78 -27.12 3.67 18.18
N PHE C 79 -26.82 4.92 17.90
CA PHE C 79 -26.45 5.87 18.90
C PHE C 79 -27.38 7.05 18.71
N VAL C 80 -27.62 7.83 19.75
CA VAL C 80 -28.31 9.07 19.55
C VAL C 80 -27.29 10.17 19.80
N ARG C 81 -27.07 10.99 18.80
CA ARG C 81 -26.05 12.00 18.84
C ARG C 81 -26.39 13.14 19.77
N ALA C 82 -25.35 13.87 20.15
CA ALA C 82 -25.47 15.03 21.02
C ALA C 82 -26.31 15.97 20.23
N ASP C 83 -26.36 15.67 18.95
CA ASP C 83 -27.12 16.36 17.98
C ASP C 83 -28.59 16.28 18.35
N GLY C 84 -28.99 15.14 18.88
CA GLY C 84 -30.40 14.80 19.03
C GLY C 84 -30.93 13.98 17.88
N ARG C 85 -30.06 13.69 16.93
CA ARG C 85 -30.44 12.92 15.80
C ARG C 85 -29.73 11.60 15.92
N THR C 86 -30.44 10.54 15.59
CA THR C 86 -29.94 9.21 15.70
C THR C 86 -29.03 8.80 14.53
N GLN C 87 -27.91 8.20 14.86
CA GLN C 87 -26.94 7.80 13.87
C GLN C 87 -26.76 6.34 13.92
N TRP C 88 -26.64 5.74 12.76
CA TRP C 88 -26.53 4.31 12.67
C TRP C 88 -25.13 3.93 12.22
N LEU C 89 -24.60 2.88 12.81
CA LEU C 89 -23.21 2.55 12.67
C LEU C 89 -22.91 1.10 12.40
N ARG C 90 -21.92 0.85 11.56
CA ARG C 90 -21.36 -0.46 11.45
C ARG C 90 -19.96 -0.35 11.97
N TRP C 91 -19.55 -1.23 12.86
CA TRP C 91 -18.19 -1.15 13.35
C TRP C 91 -17.64 -2.48 13.74
N GLU C 92 -16.33 -2.56 13.78
CA GLU C 92 -15.66 -3.77 14.11
C GLU C 92 -14.45 -3.42 14.90
N VAL C 93 -14.20 -4.13 15.98
CA VAL C 93 -12.96 -4.00 16.67
C VAL C 93 -12.35 -5.35 16.75
N ARG C 94 -11.10 -5.48 16.36
CA ARG C 94 -10.43 -6.75 16.47
C ARG C 94 -8.97 -6.61 16.80
N PRO C 95 -8.43 -7.61 17.44
CA PRO C 95 -7.03 -7.61 17.77
C PRO C 95 -6.18 -7.87 16.57
N TRP C 96 -4.96 -7.34 16.59
CA TRP C 96 -3.90 -7.73 15.72
C TRP C 96 -2.80 -8.28 16.59
N TYR C 97 -1.95 -9.11 16.01
CA TYR C 97 -0.99 -9.90 16.75
C TYR C 97 0.50 -9.68 16.47
N GLU C 98 1.25 -9.59 17.55
CA GLU C 98 2.70 -9.62 17.61
C GLU C 98 3.25 -11.02 17.34
N GLY C 99 4.51 -11.10 17.00
CA GLY C 99 5.18 -12.20 16.34
C GLY C 99 4.99 -13.35 17.30
N GLU C 100 4.87 -13.04 18.57
CA GLU C 100 4.80 -14.11 19.54
C GLU C 100 3.45 -14.77 19.79
N GLY C 101 2.37 -14.05 19.54
CA GLY C 101 1.06 -14.53 19.90
C GLY C 101 0.54 -13.69 21.04
N ARG C 102 1.32 -12.69 21.41
CA ARG C 102 0.85 -11.60 22.20
C ARG C 102 0.03 -10.62 21.33
N VAL C 103 -1.09 -10.12 21.82
CA VAL C 103 -1.82 -9.11 21.11
C VAL C 103 -1.05 -7.83 21.10
N GLY C 104 -0.80 -7.33 19.89
CA GLY C 104 -0.26 -6.02 19.64
C GLY C 104 -1.11 -4.82 19.97
N GLY C 105 -2.40 -4.91 19.69
CA GLY C 105 -3.31 -3.81 19.80
C GLY C 105 -4.61 -4.16 19.12
N VAL C 106 -5.29 -3.17 18.60
CA VAL C 106 -6.52 -3.41 17.87
C VAL C 106 -6.62 -2.66 16.58
N VAL C 107 -7.46 -3.16 15.72
CA VAL C 107 -7.80 -2.47 14.54
C VAL C 107 -9.27 -2.23 14.65
N ILE C 108 -9.70 -1.04 14.31
CA ILE C 108 -11.08 -0.68 14.45
C ILE C 108 -11.58 -0.18 13.14
N PHE C 109 -12.82 -0.46 12.83
CA PHE C 109 -13.42 0.07 11.63
C PHE C 109 -14.78 0.60 11.92
N THR C 110 -15.19 1.65 11.25
CA THR C 110 -16.56 2.09 11.39
C THR C 110 -17.09 2.64 10.11
N GLU C 111 -18.39 2.57 9.90
CA GLU C 111 -19.01 3.26 8.78
C GLU C 111 -20.39 3.78 9.11
N ASP C 112 -20.74 4.95 8.61
CA ASP C 112 -22.10 5.43 8.73
C ASP C 112 -22.99 4.59 7.83
N ILE C 113 -23.92 3.88 8.44
CA ILE C 113 -24.94 3.18 7.75
C ILE C 113 -26.07 4.14 7.53
N THR C 114 -26.23 5.07 8.44
CA THR C 114 -27.37 5.96 8.42
C THR C 114 -27.52 6.73 7.12
N ASP D 2 -11.99 -2.55 -4.97
CA ASP D 2 -12.13 -3.23 -6.24
C ASP D 2 -10.85 -3.93 -6.56
N GLU D 3 -10.04 -3.29 -7.40
CA GLU D 3 -8.68 -3.68 -7.63
C GLU D 3 -7.86 -3.41 -6.39
N ARG D 4 -8.28 -2.43 -5.63
CA ARG D 4 -7.64 -2.18 -4.39
C ARG D 4 -7.86 -3.42 -3.57
N LEU D 5 -9.08 -3.89 -3.58
CA LEU D 5 -9.41 -5.05 -2.82
C LEU D 5 -8.67 -6.25 -3.34
N ARG D 6 -8.65 -6.38 -4.64
CA ARG D 6 -8.07 -7.51 -5.26
C ARG D 6 -6.61 -7.55 -4.94
N LEU D 7 -5.98 -6.40 -5.02
CA LEU D 7 -4.58 -6.31 -4.72
C LEU D 7 -4.21 -6.58 -3.28
N PHE D 8 -5.03 -6.17 -2.34
CA PHE D 8 -4.76 -6.50 -0.97
C PHE D 8 -4.81 -7.98 -0.70
N THR D 9 -5.79 -8.67 -1.24
CA THR D 9 -5.90 -10.08 -0.96
C THR D 9 -4.75 -10.87 -1.53
N GLU D 10 -4.27 -10.47 -2.68
CA GLU D 10 -3.18 -11.14 -3.33
C GLU D 10 -1.91 -11.12 -2.51
N HIS D 11 -1.70 -10.03 -1.81
CA HIS D 11 -0.48 -9.83 -1.07
C HIS D 11 -0.69 -9.86 0.42
N ALA D 12 -1.74 -10.52 0.81
CA ALA D 12 -2.05 -10.71 2.20
C ALA D 12 -1.09 -11.65 2.90
N PRO D 13 -0.94 -11.42 4.19
CA PRO D 13 0.03 -12.09 5.03
C PRO D 13 -0.57 -13.33 5.64
N ALA D 14 -1.72 -13.73 5.15
CA ALA D 14 -2.49 -14.79 5.70
C ALA D 14 -3.08 -15.48 4.52
N ALA D 15 -3.90 -16.49 4.71
CA ALA D 15 -4.42 -17.16 3.55
C ALA D 15 -5.74 -16.55 3.18
N LEU D 16 -5.74 -15.88 2.05
CA LEU D 16 -6.88 -15.12 1.61
C LEU D 16 -7.21 -15.39 0.17
N ALA D 17 -8.48 -15.40 -0.13
CA ALA D 17 -8.94 -15.54 -1.48
C ALA D 17 -10.18 -14.72 -1.71
N MSE D 18 -10.36 -14.24 -2.92
CA MSE D 18 -11.49 -13.41 -3.28
C MSE D 18 -12.25 -14.11 -4.37
O MSE D 18 -11.69 -14.55 -5.33
CB MSE D 18 -10.98 -12.07 -3.77
CG MSE D 18 -12.05 -11.05 -4.17
SE MSE D 18 -11.32 -9.38 -4.57
CE MSE D 18 -11.71 -8.50 -3.02
N PHE D 19 -13.55 -14.21 -4.21
CA PHE D 19 -14.35 -14.99 -5.10
C PHE D 19 -15.44 -14.12 -5.64
N ASP D 20 -16.03 -14.57 -6.73
CA ASP D 20 -17.23 -13.99 -7.24
C ASP D 20 -18.42 -14.82 -6.87
N ARG D 21 -19.57 -14.49 -7.41
CA ARG D 21 -20.80 -15.13 -7.05
C ARG D 21 -20.83 -16.53 -7.55
N GLU D 22 -19.90 -16.87 -8.41
CA GLU D 22 -19.78 -18.22 -8.88
C GLU D 22 -18.75 -19.02 -8.10
N MSE D 23 -18.21 -18.44 -7.05
CA MSE D 23 -17.10 -19.02 -6.32
C MSE D 23 -15.94 -19.32 -7.21
O MSE D 23 -15.35 -20.36 -7.15
CB MSE D 23 -17.51 -20.27 -5.58
CG MSE D 23 -18.34 -20.01 -4.38
SE MSE D 23 -17.58 -18.95 -3.07
CE MSE D 23 -16.15 -19.93 -2.51
N ARG D 24 -15.60 -18.37 -8.04
CA ARG D 24 -14.44 -18.55 -8.87
C ARG D 24 -13.47 -17.44 -8.55
N TYR D 25 -12.20 -17.76 -8.59
CA TYR D 25 -11.20 -16.93 -7.99
C TYR D 25 -11.01 -15.63 -8.68
N LEU D 26 -11.05 -14.57 -7.90
CA LEU D 26 -10.67 -13.27 -8.35
C LEU D 26 -9.29 -12.92 -7.89
N ALA D 27 -8.87 -13.43 -6.75
CA ALA D 27 -7.56 -13.14 -6.27
C ALA D 27 -7.16 -14.15 -5.25
N VAL D 28 -5.89 -14.30 -5.01
CA VAL D 28 -5.49 -15.25 -4.02
C VAL D 28 -4.20 -14.84 -3.40
N SER D 29 -4.06 -15.08 -2.13
CA SER D 29 -2.80 -14.85 -1.47
C SER D 29 -1.87 -15.99 -1.70
N ARG D 30 -0.59 -15.79 -1.49
CA ARG D 30 0.39 -16.84 -1.63
C ARG D 30 0.21 -17.98 -0.65
N ARG D 31 -0.12 -17.65 0.59
CA ARG D 31 -0.42 -18.64 1.61
C ARG D 31 -1.66 -19.46 1.36
N TRP D 32 -2.66 -18.85 0.77
CA TRP D 32 -3.79 -19.62 0.35
C TRP D 32 -3.32 -20.60 -0.68
N ARG D 33 -2.44 -20.15 -1.56
CA ARG D 33 -1.97 -21.00 -2.61
C ARG D 33 -1.24 -22.19 -2.03
N GLU D 34 -0.39 -21.95 -1.04
CA GLU D 34 0.30 -23.01 -0.33
C GLU D 34 -0.57 -23.94 0.49
N ASP D 35 -1.37 -23.39 1.37
CA ASP D 35 -2.18 -24.19 2.25
C ASP D 35 -3.15 -25.02 1.44
N TYR D 36 -3.64 -24.48 0.35
CA TYR D 36 -4.68 -25.13 -0.41
C TYR D 36 -4.16 -26.01 -1.52
N GLY D 37 -2.85 -26.10 -1.67
CA GLY D 37 -2.25 -27.03 -2.58
C GLY D 37 -2.30 -26.61 -4.02
N LEU D 38 -2.68 -25.39 -4.25
CA LEU D 38 -2.74 -24.87 -5.57
C LEU D 38 -1.34 -24.62 -6.02
N GLY D 39 -1.20 -24.30 -7.29
CA GLY D 39 0.08 -23.99 -7.86
C GLY D 39 0.43 -22.53 -7.83
N ASP D 40 1.51 -22.20 -8.52
CA ASP D 40 1.89 -20.83 -8.73
C ASP D 40 1.25 -20.40 -10.02
N GLY D 41 0.42 -21.26 -10.56
CA GLY D 41 -0.26 -21.00 -11.80
C GLY D 41 -1.39 -20.02 -11.77
N ASP D 42 -1.74 -19.48 -12.91
CA ASP D 42 -2.87 -18.62 -12.95
C ASP D 42 -4.04 -19.49 -12.59
N ILE D 43 -4.83 -19.06 -11.63
CA ILE D 43 -6.06 -19.73 -11.30
C ILE D 43 -7.27 -18.87 -11.53
N LEU D 44 -7.11 -17.72 -12.14
CA LEU D 44 -8.20 -16.80 -12.18
C LEU D 44 -9.37 -17.33 -12.98
N GLY D 45 -10.55 -17.15 -12.45
CA GLY D 45 -11.76 -17.51 -13.13
C GLY D 45 -12.01 -18.95 -12.88
N MSE D 46 -11.07 -19.65 -12.30
CA MSE D 46 -11.28 -21.04 -11.96
C MSE D 46 -12.22 -21.18 -10.77
O MSE D 46 -12.05 -20.54 -9.77
CB MSE D 46 -9.95 -21.71 -11.67
CG MSE D 46 -9.44 -22.54 -12.77
SE MSE D 46 -7.65 -22.99 -12.58
CE MSE D 46 -7.68 -24.16 -11.14
N SER D 47 -13.21 -22.04 -10.89
CA SER D 47 -14.14 -22.27 -9.81
C SER D 47 -13.53 -23.10 -8.72
N HIS D 48 -13.77 -22.68 -7.50
CA HIS D 48 -13.32 -23.38 -6.30
C HIS D 48 -13.95 -24.77 -6.21
N TYR D 49 -15.15 -24.89 -6.71
CA TYR D 49 -15.86 -26.14 -6.58
C TYR D 49 -15.41 -27.22 -7.53
N ASP D 50 -15.06 -26.86 -8.75
CA ASP D 50 -14.42 -27.81 -9.63
C ASP D 50 -13.09 -28.21 -9.03
N ILE D 51 -12.38 -27.29 -8.40
CA ILE D 51 -11.09 -27.64 -7.82
C ILE D 51 -11.24 -28.56 -6.65
N PHE D 52 -12.27 -28.37 -5.83
CA PHE D 52 -12.42 -29.26 -4.70
C PHE D 52 -13.77 -29.90 -4.62
N PRO D 53 -14.12 -30.70 -5.61
CA PRO D 53 -15.45 -31.28 -5.72
C PRO D 53 -15.82 -32.06 -4.49
N GLU D 54 -14.85 -32.53 -3.76
CA GLU D 54 -15.17 -33.32 -2.61
C GLU D 54 -15.73 -32.46 -1.50
N ILE D 55 -15.62 -31.15 -1.66
CA ILE D 55 -16.04 -30.22 -0.64
C ILE D 55 -17.52 -30.29 -0.43
N GLY D 56 -17.90 -30.29 0.83
CA GLY D 56 -19.26 -30.56 1.29
C GLY D 56 -20.34 -29.52 1.20
N GLU D 57 -21.56 -29.98 1.37
CA GLU D 57 -22.73 -29.13 1.36
C GLU D 57 -22.71 -28.17 2.52
N GLU D 58 -22.01 -28.55 3.57
CA GLU D 58 -21.93 -27.73 4.75
C GLU D 58 -21.27 -26.44 4.45
N TRP D 59 -20.13 -26.50 3.79
CA TRP D 59 -19.44 -25.31 3.36
C TRP D 59 -20.19 -24.53 2.32
N LYS D 60 -20.85 -25.21 1.42
CA LYS D 60 -21.49 -24.54 0.34
C LYS D 60 -22.49 -23.64 0.96
N SER D 61 -23.11 -24.13 2.01
CA SER D 61 -24.13 -23.39 2.70
C SER D 61 -23.57 -22.14 3.32
N VAL D 62 -22.37 -22.23 3.86
CA VAL D 62 -21.71 -21.10 4.44
C VAL D 62 -21.42 -20.09 3.38
N HIS D 63 -20.96 -20.52 2.24
CA HIS D 63 -20.65 -19.60 1.18
C HIS D 63 -21.85 -18.83 0.66
N ARG D 64 -22.97 -19.49 0.52
CA ARG D 64 -24.17 -18.82 0.09
C ARG D 64 -24.65 -17.82 1.11
N ARG D 65 -24.51 -18.16 2.37
CA ARG D 65 -24.85 -17.27 3.44
C ARG D 65 -23.97 -16.06 3.32
N GLY D 66 -22.73 -16.29 2.96
CA GLY D 66 -21.81 -15.22 2.73
C GLY D 66 -22.24 -14.39 1.58
N LEU D 67 -22.69 -15.05 0.54
CA LEU D 67 -23.06 -14.41 -0.69
C LEU D 67 -24.28 -13.58 -0.45
N ALA D 68 -24.93 -13.82 0.66
CA ALA D 68 -26.17 -13.15 0.96
C ALA D 68 -25.93 -11.93 1.79
N GLY D 69 -24.69 -11.54 1.93
CA GLY D 69 -24.38 -10.37 2.71
C GLY D 69 -24.11 -10.60 4.16
N GLU D 70 -23.81 -11.83 4.52
CA GLU D 70 -23.62 -12.14 5.90
C GLU D 70 -22.18 -12.43 6.18
N VAL D 71 -21.67 -11.93 7.28
CA VAL D 71 -20.31 -12.18 7.63
C VAL D 71 -20.24 -13.32 8.60
N ILE D 72 -19.48 -14.35 8.29
CA ILE D 72 -19.48 -15.52 9.13
C ILE D 72 -18.15 -15.86 9.74
N ARG D 73 -18.14 -16.02 11.05
CA ARG D 73 -16.91 -16.11 11.79
C ARG D 73 -16.85 -17.31 12.70
N VAL D 74 -15.69 -17.94 12.78
CA VAL D 74 -15.48 -18.97 13.78
C VAL D 74 -14.06 -18.90 14.30
N GLU D 75 -13.89 -18.53 15.56
CA GLU D 75 -12.54 -18.48 16.10
C GLU D 75 -11.80 -19.82 16.25
N GLU D 76 -12.46 -20.84 16.80
CA GLU D 76 -11.88 -22.17 16.86
C GLU D 76 -12.82 -23.20 16.26
N ASP D 77 -12.37 -23.93 15.25
CA ASP D 77 -13.21 -24.92 14.62
C ASP D 77 -12.38 -26.13 14.28
N CYS D 78 -13.05 -27.25 14.08
CA CYS D 78 -12.44 -28.57 13.97
C CYS D 78 -13.19 -29.23 12.86
N PHE D 79 -12.50 -29.90 11.97
CA PHE D 79 -13.17 -30.65 10.93
C PHE D 79 -12.27 -31.77 10.52
N VAL D 80 -12.81 -32.84 9.93
CA VAL D 80 -11.95 -33.93 9.51
C VAL D 80 -11.90 -34.08 8.01
N ARG D 81 -10.71 -34.37 7.50
CA ARG D 81 -10.45 -34.40 6.06
C ARG D 81 -10.27 -35.79 5.45
N ALA D 82 -10.12 -35.79 4.14
CA ALA D 82 -10.23 -36.98 3.33
C ALA D 82 -9.17 -37.93 3.83
N ASP D 83 -8.03 -37.36 4.17
CA ASP D 83 -6.89 -38.05 4.71
C ASP D 83 -7.49 -38.58 5.99
N GLY D 84 -8.31 -37.80 6.61
CA GLY D 84 -8.95 -38.22 7.83
C GLY D 84 -8.12 -37.99 9.05
N ARG D 85 -7.01 -37.30 8.83
CA ARG D 85 -6.39 -36.47 9.84
C ARG D 85 -7.26 -35.23 10.18
N THR D 86 -7.30 -34.85 11.45
CA THR D 86 -8.03 -33.66 11.93
C THR D 86 -7.25 -32.35 11.93
N GLN D 87 -7.89 -31.25 11.54
CA GLN D 87 -7.26 -29.95 11.49
C GLN D 87 -8.08 -28.96 12.25
N TRP D 88 -7.47 -28.17 13.11
CA TRP D 88 -8.20 -27.14 13.83
C TRP D 88 -8.09 -25.86 13.09
N LEU D 89 -9.17 -25.12 13.02
CA LEU D 89 -9.20 -24.00 12.12
C LEU D 89 -9.81 -22.76 12.65
N ARG D 90 -9.36 -21.64 12.14
CA ARG D 90 -9.99 -20.36 12.35
C ARG D 90 -10.38 -19.90 10.97
N TRP D 91 -11.61 -19.47 10.78
CA TRP D 91 -12.04 -19.04 9.46
C TRP D 91 -13.04 -17.93 9.44
N GLU D 92 -12.93 -17.08 8.43
CA GLU D 92 -13.88 -16.01 8.27
C GLU D 92 -14.38 -15.94 6.85
N VAL D 93 -15.67 -15.79 6.67
CA VAL D 93 -16.22 -15.61 5.34
C VAL D 93 -17.01 -14.33 5.25
N ARG D 94 -16.63 -13.45 4.34
CA ARG D 94 -17.13 -12.09 4.23
C ARG D 94 -17.54 -11.68 2.86
N PRO D 95 -18.63 -10.98 2.73
CA PRO D 95 -19.03 -10.42 1.45
C PRO D 95 -18.18 -9.24 1.08
N TRP D 96 -18.09 -8.97 -0.20
CA TRP D 96 -17.56 -7.75 -0.72
C TRP D 96 -18.53 -7.23 -1.77
N TYR D 97 -18.59 -5.92 -1.91
CA TYR D 97 -19.65 -5.27 -2.64
C TYR D 97 -19.15 -4.57 -3.88
N GLU D 98 -19.88 -4.69 -4.97
CA GLU D 98 -19.34 -4.24 -6.23
C GLU D 98 -19.77 -2.84 -6.65
N GLY D 101 -24.58 -0.37 -4.29
CA GLY D 101 -23.51 -1.33 -4.41
C GLY D 101 -23.84 -2.72 -3.92
N ARG D 102 -24.31 -3.58 -4.82
CA ARG D 102 -24.66 -4.94 -4.53
C ARG D 102 -23.46 -5.82 -4.31
N VAL D 103 -23.67 -7.00 -3.75
CA VAL D 103 -22.58 -7.88 -3.33
C VAL D 103 -21.85 -8.52 -4.47
N GLY D 104 -20.57 -8.22 -4.55
CA GLY D 104 -19.67 -8.79 -5.52
C GLY D 104 -19.34 -10.25 -5.42
N GLY D 105 -19.23 -10.76 -4.21
CA GLY D 105 -18.65 -12.06 -4.00
C GLY D 105 -18.33 -12.25 -2.56
N VAL D 106 -17.35 -13.09 -2.24
CA VAL D 106 -16.93 -13.24 -0.87
C VAL D 106 -15.45 -13.26 -0.75
N VAL D 107 -14.99 -12.93 0.43
CA VAL D 107 -13.59 -13.02 0.75
C VAL D 107 -13.46 -14.05 1.83
N ILE D 108 -12.50 -14.93 1.71
CA ILE D 108 -12.39 -15.98 2.68
C ILE D 108 -11.01 -16.07 3.24
N PHE D 109 -10.96 -16.32 4.54
CA PHE D 109 -9.74 -16.47 5.25
C PHE D 109 -9.75 -17.74 6.06
N THR D 110 -8.69 -18.52 5.99
CA THR D 110 -8.54 -19.62 6.89
C THR D 110 -7.17 -19.67 7.48
N GLU D 111 -7.07 -20.05 8.75
CA GLU D 111 -5.79 -20.27 9.40
C GLU D 111 -5.72 -21.57 10.17
N ASP D 112 -4.76 -22.41 9.84
CA ASP D 112 -4.50 -23.64 10.58
C ASP D 112 -3.93 -23.35 11.94
N ILE D 113 -4.56 -23.90 12.95
CA ILE D 113 -4.07 -23.81 14.30
C ILE D 113 -3.28 -25.03 14.69
S SO4 E . 7.65 10.61 -15.73
O1 SO4 E . 7.61 11.77 -14.81
O2 SO4 E . 6.35 10.47 -16.42
O3 SO4 E . 8.68 10.82 -16.74
O4 SO4 E . 7.91 9.39 -14.96
S SO4 F . 3.81 5.52 -11.64
O1 SO4 F . 4.30 4.50 -10.72
O2 SO4 F . 2.93 4.89 -12.61
O3 SO4 F . 3.05 6.55 -10.90
O4 SO4 F . 5.00 6.12 -12.30
C1 PGE G . 10.14 11.08 -29.99
O1 PGE G . 10.95 12.24 -29.97
C2 PGE G . 9.99 10.58 -31.40
O2 PGE G . 8.62 10.45 -31.66
C3 PGE G . 8.33 10.04 -32.97
C4 PGE G . 7.73 11.17 -33.79
O4 PGE G . 5.70 14.30 -33.34
C6 PGE G . 7.05 14.62 -32.97
C5 PGE G . 7.97 13.41 -33.09
O3 PGE G . 7.28 12.18 -32.92
S SO4 H . 18.58 8.03 -4.89
O1 SO4 H . 18.49 8.10 -3.41
O2 SO4 H . 18.32 6.69 -5.38
O3 SO4 H . 17.58 8.92 -5.49
O4 SO4 H . 19.92 8.45 -5.31
C1 PGE I . 12.91 6.70 -1.01
O1 PGE I . 12.57 7.85 -0.23
C2 PGE I . 14.06 7.08 -1.97
O2 PGE I . 13.77 8.28 -2.74
C3 PGE I . 13.25 7.96 -4.04
C4 PGE I . 12.28 9.03 -4.57
O4 PGE I . 10.79 9.98 -6.92
C6 PGE I . 11.74 11.07 -6.87
C5 PGE I . 13.07 10.59 -6.29
O3 PGE I . 12.94 10.27 -4.90
C1 PGE J . 14.33 25.83 0.35
O1 PGE J . 15.48 26.52 0.86
C2 PGE J . 14.51 25.51 -1.13
O2 PGE J . 13.59 24.48 -1.49
C3 PGE J . 13.62 24.16 -2.88
C4 PGE J . 13.26 22.68 -3.00
O4 PGE J . 16.97 22.50 -3.62
C6 PGE J . 16.13 22.03 -4.69
C5 PGE J . 14.88 21.36 -4.13
O3 PGE J . 13.73 22.20 -4.26
C1 PGE K . -6.37 -8.71 12.20
O1 PGE K . -5.68 -9.93 11.93
C2 PGE K . -5.71 -7.58 11.44
O2 PGE K . -6.51 -7.22 10.31
C3 PGE K . -5.91 -6.15 9.57
C4 PGE K . -6.98 -5.21 9.02
O4 PGE K . -7.74 -4.00 5.35
C6 PGE K . -6.65 -3.43 6.05
C5 PGE K . -6.03 -4.46 6.98
O3 PGE K . -6.36 -4.12 8.34
C1 PGE L . -16.05 9.63 19.62
O1 PGE L . -16.45 10.56 18.61
C2 PGE L . -14.73 8.99 19.16
O2 PGE L . -14.53 7.71 19.75
C3 PGE L . -14.93 6.64 18.88
C4 PGE L . -13.74 5.71 18.65
O4 PGE L . -16.22 1.96 18.41
C6 PGE L . -14.86 2.22 18.78
C5 PGE L . -14.41 3.51 18.12
O3 PGE L . -14.01 4.41 19.16
#